data_6CBS
#
_entry.id   6CBS
#
_cell.length_a   69.895
_cell.length_b   115.202
_cell.length_c   45.817
_cell.angle_alpha   90.00
_cell.angle_beta   90.00
_cell.angle_gamma   90.00
#
_symmetry.space_group_name_H-M   'P 21 21 2'
#
loop_
_entity.id
_entity.type
_entity.pdbx_description
1 polymer 'DNA primase, single-stranded DNA-binding protein chimera'
2 non-polymer 'ZINC ION'
3 non-polymer 'ACETIC ACID'
4 water water
#
_entity_poly.entity_id   1
_entity_poly.type   'polypeptide(L)'
_entity_poly.pdbx_seq_one_letter_code
;AAESGVSRPVPQLKRTTMRILIGLLVQNPELATLVPPLENLDENKLPGLGLFRELVNTCLSQPGLTTGQLLEHYRGTNNA
ATLEKLSMWDDIADKNIAEQTFTDSLNHMFDSLLELRQEELIARERTHGLSNEERLELWTLNQELAKKTRESGSIGSMDF
DDDIPF
;
_entity_poly.pdbx_strand_id   A,B
#
loop_
_chem_comp.id
_chem_comp.type
_chem_comp.name
_chem_comp.formula
ACY non-polymer 'ACETIC ACID' 'C2 H4 O2'
ZN non-polymer 'ZINC ION' 'Zn 2'
#
# COMPACT_ATOMS: atom_id res chain seq x y z
N GLN A 12 -26.74 6.51 4.66
CA GLN A 12 -25.49 7.23 4.50
C GLN A 12 -25.21 8.12 5.71
N LEU A 13 -24.15 7.79 6.45
CA LEU A 13 -23.76 8.53 7.64
C LEU A 13 -22.26 8.76 7.62
N LYS A 14 -21.85 9.98 7.97
CA LYS A 14 -20.43 10.26 8.08
C LYS A 14 -19.86 9.65 9.37
N ARG A 15 -18.62 9.17 9.30
CA ARG A 15 -17.99 8.58 10.46
C ARG A 15 -17.69 9.65 11.51
N THR A 16 -18.01 9.35 12.76
CA THR A 16 -17.47 10.04 13.92
C THR A 16 -16.99 8.98 14.90
N THR A 17 -16.14 9.38 15.85
CA THR A 17 -15.62 8.40 16.81
C THR A 17 -16.77 7.70 17.53
N MET A 18 -17.76 8.45 18.01
CA MET A 18 -18.81 7.81 18.79
C MET A 18 -19.80 7.04 17.93
N ARG A 19 -20.01 7.47 16.68
CA ARG A 19 -20.82 6.66 15.76
C ARG A 19 -20.16 5.31 15.50
N ILE A 20 -18.84 5.31 15.31
CA ILE A 20 -18.11 4.06 15.08
C ILE A 20 -18.21 3.15 16.28
N LEU A 21 -18.00 3.69 17.49
CA LEU A 21 -18.01 2.86 18.68
C LEU A 21 -19.40 2.26 18.93
N ILE A 22 -20.43 3.12 18.91
CA ILE A 22 -21.78 2.64 19.18
C ILE A 22 -22.27 1.74 18.06
N GLY A 23 -21.98 2.09 16.82
CA GLY A 23 -22.41 1.25 15.70
C GLY A 23 -21.72 -0.10 15.69
N LEU A 24 -20.40 -0.13 15.90
CA LEU A 24 -19.70 -1.41 15.92
C LEU A 24 -20.17 -2.28 17.08
N LEU A 25 -20.42 -1.67 18.24
CA LEU A 25 -20.89 -2.42 19.39
C LEU A 25 -22.27 -3.01 19.12
N VAL A 26 -23.18 -2.21 18.54
CA VAL A 26 -24.51 -2.71 18.24
C VAL A 26 -24.43 -3.86 17.26
N GLN A 27 -23.59 -3.72 16.23
CA GLN A 27 -23.45 -4.78 15.24
C GLN A 27 -22.62 -5.96 15.72
N ASN A 28 -21.81 -5.78 16.77
CA ASN A 28 -20.96 -6.84 17.31
C ASN A 28 -20.90 -6.72 18.82
N PRO A 29 -21.94 -7.16 19.54
CA PRO A 29 -21.99 -6.94 20.99
C PRO A 29 -20.84 -7.56 21.77
N GLU A 30 -20.14 -8.56 21.20
CA GLU A 30 -19.01 -9.17 21.87
C GLU A 30 -17.85 -8.20 22.07
N LEU A 31 -17.81 -7.09 21.32
CA LEU A 31 -16.78 -6.07 21.49
C LEU A 31 -16.87 -5.38 22.85
N ALA A 32 -17.96 -5.55 23.59
CA ALA A 32 -18.08 -4.89 24.89
C ALA A 32 -16.97 -5.31 25.85
N THR A 33 -16.44 -6.52 25.70
CA THR A 33 -15.42 -7.01 26.61
C THR A 33 -14.09 -6.28 26.47
N LEU A 34 -13.90 -5.49 25.40
CA LEU A 34 -12.67 -4.72 25.22
C LEU A 34 -12.74 -3.34 25.85
N VAL A 35 -13.89 -2.93 26.36
CA VAL A 35 -14.08 -1.57 26.87
C VAL A 35 -13.63 -1.51 28.33
N PRO A 36 -12.76 -0.57 28.69
CA PRO A 36 -12.38 -0.39 30.10
C PRO A 36 -13.51 0.26 30.87
N PRO A 37 -13.43 0.31 32.20
CA PRO A 37 -14.51 0.93 32.98
C PRO A 37 -14.74 2.38 32.58
N LEU A 38 -15.99 2.74 32.37
CA LEU A 38 -16.39 4.09 32.00
C LEU A 38 -17.19 4.78 33.08
N GLU A 39 -17.31 4.17 34.27
CA GLU A 39 -18.30 4.60 35.25
C GLU A 39 -18.03 6.03 35.73
N ASN A 40 -16.77 6.44 35.78
CA ASN A 40 -16.42 7.72 36.39
C ASN A 40 -16.19 8.82 35.37
N LEU A 41 -16.60 8.63 34.12
CA LEU A 41 -16.52 9.65 33.10
C LEU A 41 -17.78 10.51 33.09
N ASP A 42 -17.59 11.79 32.80
CA ASP A 42 -18.70 12.74 32.73
C ASP A 42 -19.26 12.70 31.32
N GLU A 43 -20.43 12.06 31.17
CA GLU A 43 -21.04 11.90 29.86
C GLU A 43 -21.36 13.23 29.19
N ASN A 44 -21.51 14.31 29.98
CA ASN A 44 -21.84 15.61 29.41
C ASN A 44 -20.65 16.24 28.70
N LYS A 45 -19.45 15.68 28.84
CA LYS A 45 -18.29 16.21 28.14
C LYS A 45 -18.25 15.79 26.68
N LEU A 46 -18.84 14.63 26.35
CA LEU A 46 -18.74 14.05 25.03
C LEU A 46 -20.10 13.53 24.56
N PRO A 47 -20.69 14.13 23.52
CA PRO A 47 -21.94 13.59 22.97
C PRO A 47 -21.79 12.13 22.58
N GLY A 48 -22.77 11.31 22.99
CA GLY A 48 -22.78 9.91 22.69
C GLY A 48 -22.13 9.03 23.74
N LEU A 49 -21.32 9.59 24.63
CA LEU A 49 -20.60 8.77 25.60
C LEU A 49 -21.56 8.09 26.57
N GLY A 50 -22.60 8.81 27.01
CA GLY A 50 -23.58 8.21 27.90
C GLY A 50 -24.29 7.01 27.30
N LEU A 51 -24.71 7.12 26.04
CA LEU A 51 -25.35 6.00 25.36
C LEU A 51 -24.39 4.84 25.18
N PHE A 52 -23.15 5.11 24.77
CA PHE A 52 -22.13 4.07 24.64
C PHE A 52 -21.95 3.32 25.96
N ARG A 53 -21.82 4.05 27.07
CA ARG A 53 -21.66 3.43 28.37
C ARG A 53 -22.87 2.54 28.71
N GLU A 54 -24.09 3.04 28.43
CA GLU A 54 -25.28 2.23 28.67
C GLU A 54 -25.24 0.94 27.89
N LEU A 55 -24.88 1.02 26.59
CA LEU A 55 -24.83 -0.18 25.75
C LEU A 55 -23.80 -1.18 26.27
N VAL A 56 -22.61 -0.69 26.62
CA VAL A 56 -21.57 -1.56 27.16
C VAL A 56 -22.08 -2.29 28.40
N ASN A 57 -22.71 -1.55 29.31
CA ASN A 57 -23.22 -2.16 30.53
C ASN A 57 -24.32 -3.18 30.24
N THR A 58 -25.16 -2.91 29.24
CA THR A 58 -26.18 -3.89 28.87
C THR A 58 -25.53 -5.17 28.35
N CYS A 59 -24.52 -5.04 27.49
CA CYS A 59 -23.83 -6.23 26.99
C CYS A 59 -23.14 -6.99 28.13
N LEU A 60 -22.51 -6.27 29.05
CA LEU A 60 -21.83 -6.92 30.17
C LEU A 60 -22.82 -7.63 31.09
N SER A 61 -24.04 -7.11 31.22
CA SER A 61 -25.02 -7.76 32.08
C SER A 61 -25.59 -9.02 31.45
N GLN A 62 -25.45 -9.21 30.14
CA GLN A 62 -26.03 -10.34 29.42
C GLN A 62 -25.04 -10.83 28.37
N PRO A 63 -23.96 -11.51 28.79
CA PRO A 63 -22.96 -11.96 27.82
C PRO A 63 -23.54 -12.89 26.76
N GLY A 64 -23.12 -12.68 25.51
CA GLY A 64 -23.56 -13.51 24.41
C GLY A 64 -24.77 -13.00 23.65
N LEU A 65 -25.29 -11.81 23.99
CA LEU A 65 -26.50 -11.32 23.34
C LEU A 65 -26.26 -11.00 21.87
N THR A 66 -27.30 -11.15 21.07
CA THR A 66 -27.29 -10.80 19.66
C THR A 66 -27.62 -9.32 19.48
N THR A 67 -27.31 -8.82 18.28
CA THR A 67 -27.73 -7.47 17.89
C THR A 67 -29.24 -7.27 18.13
N GLY A 68 -30.06 -8.22 17.66
CA GLY A 68 -31.49 -8.09 17.86
C GLY A 68 -31.89 -8.07 19.32
N GLN A 69 -31.26 -8.91 20.14
CA GLN A 69 -31.54 -8.93 21.57
C GLN A 69 -31.10 -7.63 22.23
N LEU A 70 -29.96 -7.09 21.81
CA LEU A 70 -29.51 -5.80 22.34
C LEU A 70 -30.47 -4.69 21.96
N LEU A 71 -30.89 -4.66 20.69
CA LEU A 71 -31.84 -3.64 20.24
C LEU A 71 -33.19 -3.79 20.95
N GLU A 72 -33.64 -5.03 21.16
CA GLU A 72 -34.90 -5.25 21.85
C GLU A 72 -34.87 -4.69 23.27
N HIS A 73 -33.69 -4.73 23.90
CA HIS A 73 -33.57 -4.18 25.25
C HIS A 73 -33.78 -2.69 25.27
N TYR A 74 -33.56 -2.00 24.16
CA TYR A 74 -33.65 -0.54 24.10
C TYR A 74 -34.92 -0.07 23.39
N ARG A 75 -35.84 -0.98 23.12
CA ARG A 75 -37.10 -0.57 22.52
C ARG A 75 -37.86 0.30 23.51
N GLY A 76 -38.47 1.36 23.01
CA GLY A 76 -39.16 2.30 23.86
C GLY A 76 -38.30 3.39 24.45
N THR A 77 -36.98 3.34 24.26
CA THR A 77 -36.12 4.41 24.76
C THR A 77 -36.01 5.52 23.72
N ASN A 78 -35.51 6.68 24.15
CA ASN A 78 -35.35 7.79 23.23
C ASN A 78 -34.18 7.62 22.29
N ASN A 79 -33.40 6.55 22.45
CA ASN A 79 -32.27 6.27 21.57
C ASN A 79 -32.56 5.13 20.60
N ALA A 80 -33.77 4.55 20.65
CA ALA A 80 -34.05 3.36 19.87
C ALA A 80 -33.91 3.61 18.37
N ALA A 81 -34.42 4.74 17.88
CA ALA A 81 -34.34 5.03 16.46
C ALA A 81 -32.90 5.23 16.00
N THR A 82 -32.07 5.86 16.84
CA THR A 82 -30.66 6.03 16.51
C THR A 82 -29.94 4.69 16.49
N LEU A 83 -30.25 3.82 17.45
CA LEU A 83 -29.59 2.51 17.46
C LEU A 83 -30.00 1.66 16.26
N GLU A 84 -31.24 1.78 15.81
CA GLU A 84 -31.68 1.05 14.63
C GLU A 84 -30.93 1.49 13.39
N LYS A 85 -30.75 2.80 13.21
CA LYS A 85 -29.98 3.31 12.08
C LYS A 85 -28.56 2.77 12.11
N LEU A 86 -27.90 2.88 13.26
CA LEU A 86 -26.51 2.44 13.36
C LEU A 86 -26.40 0.93 13.14
N SER A 87 -27.43 0.16 13.51
CA SER A 87 -27.41 -1.28 13.28
C SER A 87 -27.45 -1.64 11.79
N MET A 88 -27.94 -0.75 10.93
CA MET A 88 -28.03 -1.02 9.51
C MET A 88 -26.97 -0.27 8.70
N TRP A 89 -26.03 0.38 9.38
CA TRP A 89 -25.00 1.20 8.75
C TRP A 89 -23.96 0.32 8.08
N ASP A 90 -24.00 0.23 6.75
CA ASP A 90 -23.13 -0.68 6.02
C ASP A 90 -21.67 -0.25 6.04
N ASP A 91 -21.39 1.02 6.31
CA ASP A 91 -20.03 1.53 6.20
C ASP A 91 -19.07 0.80 7.14
N ILE A 92 -19.59 0.30 8.26
CA ILE A 92 -18.78 -0.34 9.29
C ILE A 92 -19.04 -1.86 9.32
N ALA A 93 -19.62 -2.41 8.26
CA ALA A 93 -20.12 -3.79 8.32
C ALA A 93 -19.02 -4.84 8.26
N ASP A 94 -17.82 -4.49 7.79
CA ASP A 94 -16.81 -5.52 7.53
C ASP A 94 -16.31 -6.14 8.84
N LYS A 95 -16.39 -7.46 8.92
CA LYS A 95 -16.10 -8.16 10.18
C LYS A 95 -14.61 -8.36 10.40
N ASN A 96 -13.81 -8.42 9.34
CA ASN A 96 -12.37 -8.65 9.50
C ASN A 96 -11.71 -7.48 10.21
N ILE A 97 -12.16 -6.25 9.93
CA ILE A 97 -11.51 -5.06 10.47
C ILE A 97 -12.29 -4.44 11.61
N ALA A 98 -13.38 -5.09 12.05
CA ALA A 98 -14.24 -4.49 13.08
C ALA A 98 -13.51 -4.30 14.40
N GLU A 99 -12.79 -5.33 14.87
CA GLU A 99 -12.16 -5.22 16.19
C GLU A 99 -11.06 -4.17 16.19
N GLN A 100 -10.21 -4.17 15.17
CA GLN A 100 -9.14 -3.19 15.07
C GLN A 100 -9.70 -1.77 14.99
N THR A 101 -10.80 -1.61 14.24
CA THR A 101 -11.43 -0.30 14.14
C THR A 101 -11.98 0.15 15.48
N PHE A 102 -12.61 -0.77 16.21
CA PHE A 102 -13.16 -0.47 17.53
C PHE A 102 -12.07 -0.01 18.49
N THR A 103 -10.97 -0.77 18.54
CA THR A 103 -9.87 -0.44 19.44
C THR A 103 -9.25 0.90 19.07
N ASP A 104 -9.07 1.16 17.76
CA ASP A 104 -8.55 2.45 17.33
C ASP A 104 -9.46 3.58 17.79
N SER A 105 -10.77 3.45 17.57
CA SER A 105 -11.70 4.52 17.93
C SER A 105 -11.82 4.67 19.44
N LEU A 106 -11.72 3.58 20.20
CA LEU A 106 -11.69 3.68 21.66
C LEU A 106 -10.57 4.60 22.11
N ASN A 107 -9.39 4.46 21.51
CA ASN A 107 -8.26 5.30 21.88
C ASN A 107 -8.47 6.74 21.43
N HIS A 108 -9.14 6.94 20.29
CA HIS A 108 -9.46 8.31 19.88
C HIS A 108 -10.43 8.97 20.86
N MET A 109 -11.39 8.20 21.38
CA MET A 109 -12.32 8.76 22.36
C MET A 109 -11.57 9.25 23.59
N PHE A 110 -10.66 8.43 24.13
CA PHE A 110 -9.93 8.84 25.32
C PHE A 110 -8.96 9.98 25.01
N ASP A 111 -8.39 10.02 23.81
CA ASP A 111 -7.58 11.18 23.40
C ASP A 111 -8.41 12.45 23.43
N SER A 112 -9.65 12.40 22.94
CA SER A 112 -10.51 13.58 22.95
C SER A 112 -10.82 14.02 24.37
N LEU A 113 -10.98 13.06 25.29
CA LEU A 113 -11.20 13.42 26.69
C LEU A 113 -9.96 14.07 27.29
N LEU A 114 -8.77 13.60 26.90
CA LEU A 114 -7.53 14.21 27.40
C LEU A 114 -7.41 15.65 26.92
N GLU A 115 -7.81 15.92 25.67
CA GLU A 115 -7.78 17.29 25.16
C GLU A 115 -8.75 18.18 25.93
N LEU A 116 -9.94 17.65 26.23
CA LEU A 116 -10.90 18.42 27.00
C LEU A 116 -10.36 18.69 28.41
N ARG A 117 -9.73 17.68 29.02
CA ARG A 117 -9.16 17.88 30.35
C ARG A 117 -8.06 18.92 30.33
N GLN A 118 -7.20 18.88 29.30
CA GLN A 118 -6.16 19.89 29.18
C GLN A 118 -6.76 21.28 29.08
N GLU A 119 -7.80 21.44 28.26
CA GLU A 119 -8.47 22.73 28.13
C GLU A 119 -9.14 23.14 29.43
N GLU A 120 -9.72 22.18 30.14
CA GLU A 120 -10.33 22.47 31.43
C GLU A 120 -9.30 22.97 32.43
N LEU A 121 -8.12 22.34 32.46
CA LEU A 121 -7.11 22.73 33.44
C LEU A 121 -6.54 24.11 33.12
N ILE A 122 -6.39 24.43 31.83
CA ILE A 122 -5.92 25.77 31.45
C ILE A 122 -6.91 26.83 31.92
N ALA A 123 -8.21 26.60 31.71
CA ALA A 123 -9.22 27.55 32.15
C ALA A 123 -9.28 27.63 33.67
N ARG A 124 -9.13 26.50 34.36
CA ARG A 124 -9.12 26.53 35.82
C ARG A 124 -7.92 27.32 36.33
N GLU A 125 -6.78 27.20 35.65
CA GLU A 125 -5.59 27.89 36.15
C GLU A 125 -5.75 29.40 36.09
N ARG A 126 -6.47 29.92 35.09
CA ARG A 126 -6.67 31.36 34.98
C ARG A 126 -7.69 31.87 35.98
N THR A 127 -8.63 31.03 36.40
CA THR A 127 -9.74 31.48 37.25
C THR A 127 -9.52 31.13 38.71
N HIS A 128 -8.81 30.04 38.99
CA HIS A 128 -8.67 29.57 40.36
C HIS A 128 -7.26 29.14 40.71
N GLY A 129 -6.33 29.10 39.78
CA GLY A 129 -5.02 28.58 40.12
C GLY A 129 -5.12 27.07 40.20
N LEU A 130 -3.99 26.37 40.11
CA LEU A 130 -3.98 24.93 40.16
C LEU A 130 -3.34 24.41 41.44
N SER A 131 -3.85 23.28 41.92
CA SER A 131 -3.19 22.50 42.96
C SER A 131 -1.90 21.90 42.42
N ASN A 132 -1.07 21.38 43.33
CA ASN A 132 0.14 20.69 42.88
C ASN A 132 -0.21 19.52 41.97
N GLU A 133 -1.23 18.74 42.34
CA GLU A 133 -1.60 17.59 41.53
C GLU A 133 -2.13 18.01 40.17
N GLU A 134 -2.90 19.10 40.12
CA GLU A 134 -3.43 19.57 38.84
C GLU A 134 -2.33 20.16 37.97
N ARG A 135 -1.39 20.89 38.58
CA ARG A 135 -0.30 21.47 37.80
C ARG A 135 0.56 20.40 37.17
N LEU A 136 0.87 19.34 37.92
CA LEU A 136 1.62 18.23 37.35
C LEU A 136 0.82 17.54 36.25
N GLU A 137 -0.49 17.39 36.46
CA GLU A 137 -1.34 16.78 35.44
C GLU A 137 -1.32 17.61 34.15
N LEU A 138 -1.47 18.94 34.27
CA LEU A 138 -1.44 19.79 33.09
C LEU A 138 -0.08 19.74 32.39
N TRP A 139 1.00 19.77 33.17
CA TRP A 139 2.33 19.64 32.59
C TRP A 139 2.45 18.33 31.82
N THR A 140 1.97 17.24 32.40
CA THR A 140 2.02 15.94 31.73
C THR A 140 1.24 15.95 30.42
N LEU A 141 0.03 16.51 30.45
CA LEU A 141 -0.79 16.62 29.24
C LEU A 141 -0.09 17.48 28.19
N ASN A 142 0.56 18.56 28.62
CA ASN A 142 1.24 19.45 27.68
C ASN A 142 2.42 18.75 27.03
N GLN A 143 3.13 17.91 27.78
CA GLN A 143 4.27 17.18 27.22
C GLN A 143 3.80 16.16 26.20
N GLU A 144 2.70 15.46 26.47
CA GLU A 144 2.16 14.49 25.51
C GLU A 144 1.74 15.18 24.22
N LEU A 145 1.04 16.31 24.33
CA LEU A 145 0.64 17.05 23.13
C LEU A 145 1.86 17.57 22.38
N ALA A 146 2.91 17.96 23.10
CA ALA A 146 4.13 18.41 22.44
C ALA A 146 4.76 17.29 21.61
N LYS A 147 4.76 16.07 22.14
CA LYS A 147 5.31 14.92 21.42
C LYS A 147 4.33 14.41 20.38
N ASP A 162 -28.90 12.46 8.39
CA ASP A 162 -27.80 12.63 9.33
C ASP A 162 -28.24 13.47 10.54
N ASP A 163 -29.17 12.92 11.33
CA ASP A 163 -29.66 13.58 12.54
C ASP A 163 -29.24 12.87 13.81
N ILE A 164 -28.20 12.03 13.73
CA ILE A 164 -27.64 11.37 14.90
C ILE A 164 -26.80 12.41 15.66
N PRO A 165 -27.11 12.66 16.93
CA PRO A 165 -26.50 13.81 17.63
C PRO A 165 -25.13 13.52 18.23
N PHE A 166 -24.33 12.71 17.55
CA PHE A 166 -22.96 12.42 17.99
C PHE A 166 -22.17 11.83 16.83
N GLN B 12 8.23 -5.64 -41.99
CA GLN B 12 9.52 -4.96 -42.02
C GLN B 12 9.69 -4.06 -40.79
N LEU B 13 10.68 -4.40 -39.97
CA LEU B 13 10.96 -3.67 -38.73
C LEU B 13 12.45 -3.37 -38.64
N LYS B 14 12.78 -2.15 -38.23
CA LYS B 14 14.19 -1.80 -38.04
C LYS B 14 14.71 -2.48 -36.77
N ARG B 15 15.97 -2.93 -36.83
CA ARG B 15 16.58 -3.57 -35.67
C ARG B 15 16.82 -2.57 -34.55
N THR B 16 16.46 -2.96 -33.33
CA THR B 16 16.93 -2.32 -32.11
C THR B 16 17.41 -3.42 -31.18
N THR B 17 18.20 -3.04 -30.18
CA THR B 17 18.71 -4.04 -29.24
C THR B 17 17.59 -4.83 -28.57
N MET B 18 16.55 -4.15 -28.08
CA MET B 18 15.51 -4.88 -27.38
C MET B 18 14.59 -5.63 -28.33
N ARG B 19 14.40 -5.12 -29.55
CA ARG B 19 13.67 -5.89 -30.56
C ARG B 19 14.38 -7.19 -30.88
N ILE B 20 15.70 -7.14 -31.02
CA ILE B 20 16.46 -8.36 -31.29
C ILE B 20 16.33 -9.33 -30.13
N LEU B 21 16.50 -8.85 -28.91
CA LEU B 21 16.46 -9.75 -27.75
C LEU B 21 15.09 -10.37 -27.57
N ILE B 22 14.03 -9.55 -27.58
CA ILE B 22 12.69 -10.06 -27.37
C ILE B 22 12.25 -10.92 -28.55
N GLY B 23 12.55 -10.48 -29.77
CA GLY B 23 12.16 -11.25 -30.94
C GLY B 23 12.86 -12.60 -31.02
N LEU B 24 14.17 -12.62 -30.77
CA LEU B 24 14.91 -13.88 -30.80
C LEU B 24 14.43 -14.83 -29.70
N LEU B 25 14.14 -14.29 -28.51
CA LEU B 25 13.64 -15.13 -27.43
C LEU B 25 12.27 -15.72 -27.77
N VAL B 26 11.38 -14.90 -28.32
CA VAL B 26 10.05 -15.39 -28.70
C VAL B 26 10.18 -16.48 -29.76
N GLN B 27 11.05 -16.28 -30.75
CA GLN B 27 11.22 -17.28 -31.81
C GLN B 27 12.05 -18.48 -31.38
N ASN B 28 12.84 -18.36 -30.31
CA ASN B 28 13.69 -19.45 -29.83
C ASN B 28 13.71 -19.41 -28.31
N PRO B 29 12.65 -19.92 -27.67
CA PRO B 29 12.56 -19.78 -26.20
C PRO B 29 13.69 -20.43 -25.44
N GLU B 30 14.40 -21.39 -26.05
CA GLU B 30 15.54 -22.02 -25.38
C GLU B 30 16.68 -21.03 -25.11
N LEU B 31 16.69 -19.88 -25.79
CA LEU B 31 17.70 -18.88 -25.52
C LEU B 31 17.61 -18.29 -24.11
N ALA B 32 16.51 -18.53 -23.39
CA ALA B 32 16.39 -17.99 -22.04
C ALA B 32 17.51 -18.49 -21.12
N THR B 33 18.03 -19.70 -21.37
CA THR B 33 19.05 -20.24 -20.51
C THR B 33 20.38 -19.51 -20.62
N LEU B 34 20.56 -18.64 -21.62
CA LEU B 34 21.77 -17.86 -21.78
C LEU B 34 21.72 -16.52 -21.05
N VAL B 35 20.58 -16.14 -20.49
CA VAL B 35 20.40 -14.83 -19.89
C VAL B 35 20.87 -14.85 -18.44
N PRO B 36 21.76 -13.93 -18.05
CA PRO B 36 22.18 -13.82 -16.65
C PRO B 36 21.06 -13.23 -15.81
N PRO B 37 21.19 -13.23 -14.47
CA PRO B 37 20.11 -12.70 -13.62
C PRO B 37 19.83 -11.23 -13.90
N LEU B 38 18.55 -10.90 -14.07
CA LEU B 38 18.10 -9.55 -14.35
C LEU B 38 17.34 -8.93 -13.20
N GLU B 39 17.30 -9.60 -12.04
CA GLU B 39 16.36 -9.23 -10.98
C GLU B 39 16.62 -7.82 -10.45
N ASN B 40 17.87 -7.36 -10.45
CA ASN B 40 18.21 -6.10 -9.81
C ASN B 40 18.33 -4.95 -10.79
N LEU B 41 17.87 -5.13 -12.03
CA LEU B 41 17.88 -4.07 -13.01
C LEU B 41 16.63 -3.23 -12.89
N ASP B 42 16.77 -1.94 -13.16
CA ASP B 42 15.64 -1.00 -13.11
C ASP B 42 15.00 -0.97 -14.49
N GLU B 43 13.84 -1.64 -14.61
CA GLU B 43 13.18 -1.72 -15.91
C GLU B 43 12.76 -0.35 -16.45
N ASN B 44 12.63 0.66 -15.58
CA ASN B 44 12.21 1.97 -16.04
C ASN B 44 13.31 2.72 -16.78
N LYS B 45 14.55 2.21 -16.76
CA LYS B 45 15.65 2.86 -17.48
C LYS B 45 15.68 2.51 -18.97
N LEU B 46 15.12 1.38 -19.35
CA LEU B 46 15.24 0.89 -20.72
C LEU B 46 13.91 0.38 -21.24
N PRO B 47 13.34 1.03 -22.25
CA PRO B 47 12.11 0.51 -22.87
C PRO B 47 12.30 -0.92 -23.34
N GLY B 48 11.34 -1.78 -23.00
CA GLY B 48 11.36 -3.17 -23.37
C GLY B 48 12.04 -4.09 -22.37
N LEU B 49 12.85 -3.54 -21.46
CA LEU B 49 13.59 -4.39 -20.53
C LEU B 49 12.67 -5.13 -19.58
N GLY B 50 11.62 -4.45 -19.09
CA GLY B 50 10.67 -5.12 -18.20
C GLY B 50 10.00 -6.30 -18.87
N LEU B 51 9.56 -6.12 -20.11
CA LEU B 51 8.94 -7.21 -20.86
C LEU B 51 9.93 -8.34 -21.12
N PHE B 52 11.16 -8.00 -21.52
CA PHE B 52 12.18 -9.02 -21.75
C PHE B 52 12.39 -9.88 -20.50
N ARG B 53 12.55 -9.23 -19.34
CA ARG B 53 12.76 -9.97 -18.10
C ARG B 53 11.59 -10.88 -17.80
N GLU B 54 10.36 -10.37 -17.96
CA GLU B 54 9.17 -11.18 -17.73
C GLU B 54 9.15 -12.39 -18.67
N LEU B 55 9.44 -12.17 -19.95
CA LEU B 55 9.47 -13.28 -20.91
C LEU B 55 10.47 -14.33 -20.48
N VAL B 56 11.68 -13.90 -20.12
CA VAL B 56 12.72 -14.84 -19.71
C VAL B 56 12.23 -15.67 -18.52
N ASN B 57 11.61 -15.02 -17.54
CA ASN B 57 11.10 -15.73 -16.37
C ASN B 57 10.03 -16.74 -16.74
N THR B 58 9.17 -16.40 -17.70
CA THR B 58 8.18 -17.36 -18.16
C THR B 58 8.84 -18.59 -18.78
N CYS B 59 9.85 -18.38 -19.62
CA CYS B 59 10.55 -19.51 -20.22
C CYS B 59 11.24 -20.37 -19.17
N LEU B 60 11.88 -19.73 -18.19
CA LEU B 60 12.60 -20.48 -17.15
C LEU B 60 11.63 -21.30 -16.31
N SER B 61 10.41 -20.82 -16.11
CA SER B 61 9.43 -21.56 -15.32
C SER B 61 8.88 -22.76 -16.08
N GLN B 62 9.08 -22.83 -17.40
CA GLN B 62 8.54 -23.91 -18.21
C GLN B 62 9.56 -24.32 -19.27
N PRO B 63 10.60 -25.03 -18.86
CA PRO B 63 11.65 -25.41 -19.83
C PRO B 63 11.09 -26.26 -20.96
N GLY B 64 11.52 -25.96 -22.17
CA GLY B 64 11.08 -26.70 -23.34
C GLY B 64 9.85 -26.15 -24.01
N LEU B 65 9.32 -25.03 -23.53
CA LEU B 65 8.08 -24.49 -24.09
C LEU B 65 8.29 -23.98 -25.50
N THR B 66 7.23 -24.04 -26.30
CA THR B 66 7.23 -23.56 -27.66
C THR B 66 6.93 -22.07 -27.72
N THR B 67 7.22 -21.49 -28.89
CA THR B 67 6.84 -20.11 -29.18
C THR B 67 5.36 -19.86 -28.87
N GLY B 68 4.48 -20.73 -29.37
CA GLY B 68 3.05 -20.56 -29.11
C GLY B 68 2.70 -20.63 -27.64
N GLN B 69 3.32 -21.55 -26.90
CA GLN B 69 3.04 -21.68 -25.48
C GLN B 69 3.50 -20.45 -24.70
N LEU B 70 4.65 -19.87 -25.10
CA LEU B 70 5.12 -18.64 -24.48
C LEU B 70 4.18 -17.48 -24.75
N LEU B 71 3.75 -17.33 -26.00
CA LEU B 71 2.88 -16.21 -26.37
C LEU B 71 1.53 -16.28 -25.66
N GLU B 72 1.04 -17.50 -25.38
CA GLU B 72 -0.26 -17.64 -24.73
C GLU B 72 -0.30 -16.93 -23.38
N HIS B 73 0.85 -16.82 -22.71
CA HIS B 73 0.88 -16.13 -21.41
C HIS B 73 0.55 -14.65 -21.52
N TYR B 74 0.70 -14.06 -22.71
CA TYR B 74 0.52 -12.62 -22.88
C TYR B 74 -0.73 -12.26 -23.68
N ARG B 75 -1.61 -13.23 -23.92
CA ARG B 75 -2.84 -12.94 -24.64
C ARG B 75 -3.74 -12.01 -23.83
N GLY B 76 -4.36 -11.05 -24.51
CA GLY B 76 -5.21 -10.07 -23.89
C GLY B 76 -4.50 -8.88 -23.28
N THR B 77 -3.17 -8.89 -23.25
CA THR B 77 -2.39 -7.77 -22.73
C THR B 77 -2.06 -6.78 -23.84
N ASN B 78 -1.54 -5.62 -23.42
CA ASN B 78 -1.12 -4.61 -24.39
C ASN B 78 0.18 -4.97 -25.09
N ASN B 79 0.77 -6.12 -24.78
CA ASN B 79 1.97 -6.59 -25.46
C ASN B 79 1.69 -7.69 -26.47
N ALA B 80 0.44 -8.14 -26.59
CA ALA B 80 0.15 -9.29 -27.45
C ALA B 80 0.46 -8.99 -28.91
N ALA B 81 0.01 -7.82 -29.39
CA ALA B 81 0.22 -7.49 -30.80
C ALA B 81 1.69 -7.29 -31.11
N THR B 82 2.44 -6.69 -30.18
CA THR B 82 3.87 -6.50 -30.39
C THR B 82 4.61 -7.83 -30.43
N LEU B 83 4.26 -8.76 -29.55
CA LEU B 83 4.91 -10.06 -29.53
C LEU B 83 4.57 -10.87 -30.79
N GLU B 84 3.37 -10.69 -31.33
CA GLU B 84 3.01 -11.39 -32.57
CA GLU B 84 3.01 -11.39 -32.57
C GLU B 84 3.83 -10.88 -33.75
N LYS B 85 4.04 -9.56 -33.82
CA LYS B 85 4.88 -9.01 -34.88
C LYS B 85 6.29 -9.57 -34.79
N LEU B 86 6.86 -9.55 -33.57
CA LEU B 86 8.23 -10.03 -33.38
C LEU B 86 8.33 -11.53 -33.64
N SER B 87 7.28 -12.30 -33.34
CA SER B 87 7.32 -13.74 -33.63
C SER B 87 7.34 -14.03 -35.12
N MET B 88 6.85 -13.10 -35.95
CA MET B 88 6.80 -13.29 -37.40
C MET B 88 7.87 -12.47 -38.13
N TRP B 89 8.80 -11.87 -37.40
CA TRP B 89 9.82 -10.98 -37.96
C TRP B 89 10.86 -11.82 -38.68
N ASP B 90 10.86 -11.79 -40.01
CA ASP B 90 11.74 -12.65 -40.79
C ASP B 90 13.19 -12.21 -40.71
N ASP B 91 13.45 -10.94 -40.35
CA ASP B 91 14.82 -10.43 -40.40
C ASP B 91 15.74 -11.17 -39.45
N ILE B 92 15.21 -11.72 -38.37
CA ILE B 92 16.01 -12.40 -37.35
C ILE B 92 15.81 -13.91 -37.40
N ALA B 93 15.27 -14.43 -38.50
CA ALA B 93 14.82 -15.82 -38.54
C ALA B 93 15.96 -16.83 -38.63
N ASP B 94 17.16 -16.43 -39.03
CA ASP B 94 18.20 -17.42 -39.31
C ASP B 94 18.64 -18.11 -38.03
N LYS B 95 18.54 -19.44 -38.01
CA LYS B 95 18.80 -20.19 -36.79
C LYS B 95 20.28 -20.39 -36.53
N ASN B 96 21.10 -20.38 -37.58
CA ASN B 96 22.53 -20.61 -37.41
C ASN B 96 23.18 -19.47 -36.60
N ILE B 97 22.73 -18.23 -36.81
CA ILE B 97 23.35 -17.06 -36.19
C ILE B 97 22.53 -16.51 -35.03
N ALA B 98 21.46 -17.21 -34.64
CA ALA B 98 20.56 -16.69 -33.61
C ALA B 98 21.26 -16.54 -32.25
N GLU B 99 21.98 -17.58 -31.82
CA GLU B 99 22.60 -17.55 -30.50
C GLU B 99 23.66 -16.45 -30.41
N GLN B 100 24.52 -16.35 -31.43
CA GLN B 100 25.56 -15.33 -31.44
C GLN B 100 24.95 -13.93 -31.48
N THR B 101 23.86 -13.76 -32.25
CA THR B 101 23.20 -12.47 -32.29
C THR B 101 22.59 -12.13 -30.92
N PHE B 102 21.97 -13.14 -30.30
CA PHE B 102 21.37 -12.94 -28.98
C PHE B 102 22.42 -12.51 -27.96
N THR B 103 23.56 -13.20 -27.91
CA THR B 103 24.61 -12.84 -26.96
C THR B 103 25.18 -11.46 -27.26
N ASP B 104 25.39 -11.15 -28.54
CA ASP B 104 25.86 -9.82 -28.90
C ASP B 104 24.92 -8.74 -28.39
N SER B 105 23.61 -8.92 -28.60
CA SER B 105 22.66 -7.90 -28.18
C SER B 105 22.50 -7.86 -26.67
N LEU B 106 22.66 -8.99 -25.99
CA LEU B 106 22.68 -8.98 -24.53
C LEU B 106 23.77 -8.05 -24.01
N ASN B 107 24.96 -8.10 -24.62
CA ASN B 107 26.05 -7.24 -24.20
C ASN B 107 25.79 -5.79 -24.56
N HIS B 108 25.13 -5.52 -25.69
CA HIS B 108 24.75 -4.16 -26.02
C HIS B 108 23.72 -3.61 -25.04
N MET B 109 22.79 -4.46 -24.58
CA MET B 109 21.82 -4.01 -23.59
C MET B 109 22.52 -3.56 -22.31
N PHE B 110 23.45 -4.37 -21.80
CA PHE B 110 24.13 -3.99 -20.57
C PHE B 110 25.03 -2.78 -20.78
N ASP B 111 25.64 -2.66 -21.96
CA ASP B 111 26.42 -1.46 -22.28
C ASP B 111 25.56 -0.20 -22.25
N SER B 112 24.33 -0.29 -22.77
CA SER B 112 23.46 0.88 -22.74
C SER B 112 23.13 1.29 -21.31
N LEU B 113 23.00 0.32 -20.41
CA LEU B 113 22.74 0.65 -19.00
C LEU B 113 23.96 1.29 -18.35
N LEU B 114 25.16 0.80 -18.69
CA LEU B 114 26.39 1.43 -18.20
C LEU B 114 26.53 2.84 -18.74
N GLU B 115 26.10 3.04 -19.98
CA GLU B 115 26.12 4.35 -20.61
C GLU B 115 25.19 5.33 -19.88
N LEU B 116 24.00 4.87 -19.48
CA LEU B 116 23.10 5.69 -18.70
C LEU B 116 23.68 5.99 -17.32
N ARG B 117 24.27 4.98 -16.68
CA ARG B 117 24.89 5.18 -15.38
C ARG B 117 26.03 6.18 -15.45
N GLN B 118 26.86 6.08 -16.49
CA GLN B 118 27.94 7.06 -16.67
C GLN B 118 27.37 8.47 -16.79
N GLU B 119 26.31 8.63 -17.59
CA GLU B 119 25.70 9.95 -17.75
C GLU B 119 25.12 10.47 -16.45
N GLU B 120 24.55 9.58 -15.64
CA GLU B 120 23.99 9.96 -14.34
C GLU B 120 25.07 10.47 -13.39
N LEU B 121 26.23 9.79 -13.36
CA LEU B 121 27.31 10.18 -12.46
C LEU B 121 27.96 11.49 -12.91
N ILE B 122 28.11 11.68 -14.23
CA ILE B 122 28.65 12.93 -14.74
C ILE B 122 27.75 14.11 -14.34
N ALA B 123 26.44 13.94 -14.46
CA ALA B 123 25.53 15.02 -14.07
C ALA B 123 25.58 15.28 -12.57
N ARG B 124 25.65 14.21 -11.77
CA ARG B 124 25.74 14.39 -10.32
C ARG B 124 27.05 15.08 -9.93
N GLU B 125 28.14 14.73 -10.61
CA GLU B 125 29.47 15.24 -10.27
C GLU B 125 29.61 16.74 -10.50
N ARG B 126 28.83 17.32 -11.41
CA ARG B 126 28.99 18.74 -11.69
C ARG B 126 28.52 19.60 -10.53
N THR B 127 27.62 19.11 -9.69
CA THR B 127 27.09 19.88 -8.57
C THR B 127 27.59 19.43 -7.20
N HIS B 128 27.88 18.15 -7.01
CA HIS B 128 28.21 17.61 -5.70
C HIS B 128 29.33 16.57 -5.81
N GLY B 129 30.25 16.59 -4.84
CA GLY B 129 31.34 15.64 -4.87
C GLY B 129 30.85 14.23 -4.59
N LEU B 130 31.55 13.24 -5.13
CA LEU B 130 31.06 11.87 -5.09
C LEU B 130 31.73 11.08 -3.96
N SER B 131 31.00 10.05 -3.50
CA SER B 131 31.56 9.09 -2.57
C SER B 131 32.75 8.34 -3.17
N ASN B 132 33.49 7.65 -2.31
CA ASN B 132 34.63 6.87 -2.79
C ASN B 132 34.21 5.83 -3.83
N GLU B 133 33.11 5.14 -3.60
CA GLU B 133 32.68 4.18 -4.62
C GLU B 133 32.17 4.87 -5.89
N GLU B 134 31.52 6.03 -5.77
CA GLU B 134 30.95 6.68 -6.96
C GLU B 134 32.01 7.23 -7.92
N ARG B 135 33.06 7.88 -7.39
CA ARG B 135 34.12 8.43 -8.25
C ARG B 135 34.91 7.30 -8.91
N LEU B 136 35.19 6.23 -8.15
CA LEU B 136 35.83 5.05 -8.74
C LEU B 136 34.96 4.41 -9.80
N GLU B 137 33.64 4.36 -9.57
CA GLU B 137 32.74 3.82 -10.58
C GLU B 137 32.78 4.67 -11.85
N LEU B 138 32.69 5.99 -11.70
CA LEU B 138 32.73 6.87 -12.87
C LEU B 138 34.08 6.79 -13.59
N TRP B 139 35.18 6.78 -12.83
CA TRP B 139 36.50 6.62 -13.44
C TRP B 139 36.58 5.34 -14.26
N THR B 140 36.07 4.24 -13.70
CA THR B 140 36.11 2.96 -14.41
C THR B 140 35.32 3.05 -15.70
N LEU B 141 34.12 3.62 -15.65
CA LEU B 141 33.31 3.78 -16.85
C LEU B 141 34.00 4.67 -17.88
N ASN B 142 34.65 5.74 -17.43
CA ASN B 142 35.33 6.65 -18.35
C ASN B 142 36.52 5.97 -19.03
N GLN B 143 37.25 5.13 -18.30
CA GLN B 143 38.37 4.43 -18.91
C GLN B 143 37.89 3.45 -19.97
N GLU B 144 36.77 2.78 -19.70
CA GLU B 144 36.19 1.86 -20.69
C GLU B 144 35.79 2.61 -21.96
N LEU B 145 35.20 3.79 -21.80
CA LEU B 145 34.88 4.61 -22.96
C LEU B 145 36.14 5.11 -23.67
N ALA B 146 37.19 5.42 -22.92
CA ALA B 146 38.43 5.93 -23.51
C ALA B 146 39.11 4.90 -24.41
N LYS B 147 39.15 3.65 -23.99
CA LYS B 147 39.83 2.62 -24.75
C LYS B 147 39.10 2.25 -26.03
N ASP B 162 5.77 1.23 -37.53
CA ASP B 162 6.75 1.33 -36.46
C ASP B 162 6.08 1.71 -35.14
N ASP B 163 5.25 0.81 -34.60
CA ASP B 163 4.58 1.05 -33.33
C ASP B 163 5.09 0.12 -32.23
N ILE B 164 6.23 -0.53 -32.44
CA ILE B 164 6.87 -1.30 -31.38
C ILE B 164 7.53 -0.29 -30.44
N PRO B 165 7.17 -0.25 -29.17
CA PRO B 165 7.63 0.86 -28.33
C PRO B 165 9.01 0.63 -27.72
N PHE B 166 9.88 -0.06 -28.46
CA PHE B 166 11.25 -0.28 -28.01
C PHE B 166 12.11 -0.74 -29.19
ZN ZN C . -31.34 -1.82 30.71
ZN ZN D . -7.04 6.01 14.40
ZN ZN E . -25.94 8.07 31.42
C ACY F . -29.05 -2.56 31.66
O ACY F . -29.05 -2.22 30.50
OXT ACY F . -30.10 -2.79 32.37
CH3 ACY F . -27.74 -2.76 32.45
C ACY G . -4.32 6.69 14.77
O ACY G . -5.18 6.52 13.92
OXT ACY G . -4.49 6.54 16.04
CH3 ACY G . -2.90 7.11 14.40
ZN ZN H . 27.40 -6.04 -31.56
ZN ZN I . 2.26 -20.81 -17.40
ZN ZN J . 16.72 -15.27 -11.49
C ACY K . 17.44 -15.36 -14.13
O ACY K . 16.91 -14.40 -13.45
OXT ACY K . 17.75 -16.44 -13.67
CH3 ACY K . 17.62 -15.02 -15.62
C ACY L . 30.03 -5.26 -31.11
O ACY L . 29.13 -5.31 -31.93
OXT ACY L . 29.98 -5.70 -29.91
CH3 ACY L . 31.39 -4.61 -31.46
#